data_2W29
#
_entry.id   2W29
#
_cell.length_a   83.000
_cell.length_b   185.700
_cell.length_c   119.700
_cell.angle_alpha   90.00
_cell.angle_beta   90.00
_cell.angle_gamma   90.00
#
_symmetry.space_group_name_H-M   'C 2 2 21'
#
_entity_poly.entity_id   1
_entity_poly.type   'polypeptide(L)'
_entity_poly.pdbx_seq_one_letter_code
;MNEALDDIDRILVRELAADGRATLSELATRAGLSVSAVQSRVRRLESRGVVQGYSARINPEAVGHLLSAFVAITPLDPSQ
PDDAPARLEHIEEVESCYSVATEESYVLLVRVASARALEDLLQRIRTTANVRTRSTIILNTFYSDRQHIP
;
_entity_poly.pdbx_strand_id   A,B,C,D
#
# COMPACT_ATOMS: atom_id res chain seq x y z
N ALA A 4 19.17 -6.43 -3.62
CA ALA A 4 20.55 -6.63 -3.09
C ALA A 4 21.29 -5.29 -2.78
N LEU A 5 21.17 -4.82 -1.52
CA LEU A 5 21.93 -3.67 -0.97
C LEU A 5 22.68 -4.04 0.33
N ASP A 6 24.00 -4.28 0.22
CA ASP A 6 24.81 -4.58 1.41
C ASP A 6 25.10 -3.34 2.23
N ASP A 7 25.86 -3.46 3.30
CA ASP A 7 26.12 -2.31 4.18
C ASP A 7 26.89 -1.17 3.52
N ILE A 8 27.80 -1.51 2.62
CA ILE A 8 28.62 -0.55 1.92
C ILE A 8 27.71 0.27 1.00
N ASP A 9 26.91 -0.41 0.18
CA ASP A 9 25.98 0.27 -0.68
C ASP A 9 25.05 1.20 0.10
N ARG A 10 24.52 0.75 1.23
CA ARG A 10 23.73 1.56 2.12
C ARG A 10 24.43 2.82 2.52
N ILE A 11 25.66 2.72 3.02
CA ILE A 11 26.49 3.91 3.31
C ILE A 11 26.65 4.89 2.11
N LEU A 12 26.88 4.38 0.91
CA LEU A 12 27.08 5.26 -0.25
C LEU A 12 25.84 6.05 -0.59
N VAL A 13 24.67 5.38 -0.57
CA VAL A 13 23.44 6.09 -0.87
C VAL A 13 23.04 7.09 0.19
N ARG A 14 23.25 6.81 1.50
CA ARG A 14 23.08 7.85 2.53
C ARG A 14 23.94 9.07 2.23
N GLU A 15 25.27 8.87 2.02
CA GLU A 15 26.16 10.01 1.75
C GLU A 15 25.81 10.76 0.49
N LEU A 16 25.39 10.05 -0.56
CA LEU A 16 25.06 10.74 -1.81
C LEU A 16 23.69 11.50 -1.66
N ALA A 17 22.78 10.96 -0.82
CA ALA A 17 21.49 11.66 -0.47
C ALA A 17 21.77 12.97 0.24
N ALA A 18 22.63 12.92 1.28
CA ALA A 18 23.03 14.12 2.05
C ALA A 18 23.96 15.05 1.28
N ASP A 19 24.80 14.54 0.37
CA ASP A 19 25.68 15.40 -0.45
C ASP A 19 26.00 14.82 -1.80
N GLY A 20 25.36 15.31 -2.86
CA GLY A 20 25.39 14.61 -4.14
C GLY A 20 26.64 14.92 -4.95
N ARG A 21 27.42 15.88 -4.45
CA ARG A 21 28.71 16.23 -4.99
C ARG A 21 29.81 15.66 -4.08
N ALA A 22 29.53 14.73 -3.16
CA ALA A 22 30.56 14.00 -2.40
C ALA A 22 31.55 13.56 -3.49
N THR A 23 32.83 13.91 -3.34
CA THR A 23 33.78 13.27 -4.27
C THR A 23 34.20 11.86 -3.84
N LEU A 24 34.66 11.07 -4.80
CA LEU A 24 34.91 9.68 -4.56
C LEU A 24 35.92 9.47 -3.47
N SER A 25 36.96 10.30 -3.43
CA SER A 25 37.93 10.18 -2.35
C SER A 25 37.29 10.30 -0.95
N GLU A 26 36.31 11.19 -0.80
CA GLU A 26 35.60 11.29 0.49
C GLU A 26 34.69 10.10 0.75
N LEU A 27 33.98 9.64 -0.29
CA LEU A 27 33.16 8.43 -0.17
C LEU A 27 34.00 7.19 0.19
N ALA A 28 35.20 7.09 -0.43
CA ALA A 28 36.13 5.98 -0.19
C ALA A 28 36.60 5.85 1.24
N THR A 29 37.07 6.98 1.77
CA THR A 29 37.58 6.94 3.10
C THR A 29 36.47 6.74 4.09
N ARG A 30 35.27 7.22 3.74
CA ARG A 30 34.05 6.91 4.51
C ARG A 30 33.53 5.48 4.46
N ALA A 31 33.68 4.75 3.36
CA ALA A 31 33.28 3.34 3.35
C ALA A 31 34.41 2.34 3.57
N GLY A 32 35.65 2.83 3.83
CA GLY A 32 36.86 1.95 3.89
C GLY A 32 37.11 1.16 2.60
N LEU A 33 37.00 1.82 1.46
CA LEU A 33 37.26 1.16 0.18
C LEU A 33 38.31 2.01 -0.55
N SER A 34 38.80 1.50 -1.68
CA SER A 34 39.56 2.32 -2.57
C SER A 34 38.61 3.15 -3.46
N VAL A 35 39.14 4.23 -3.99
CA VAL A 35 38.47 5.13 -4.88
C VAL A 35 37.94 4.39 -6.07
N SER A 36 38.65 3.37 -6.55
CA SER A 36 38.18 2.55 -7.68
C SER A 36 37.00 1.66 -7.29
N ALA A 37 37.04 1.11 -6.08
CA ALA A 37 35.99 0.22 -5.71
C ALA A 37 34.71 1.09 -5.53
N VAL A 38 34.88 2.34 -5.05
CA VAL A 38 33.77 3.22 -4.81
C VAL A 38 33.17 3.58 -6.13
N GLN A 39 34.01 3.99 -7.05
CA GLN A 39 33.50 4.34 -8.33
C GLN A 39 32.74 3.16 -8.93
N SER A 40 33.11 1.96 -8.61
CA SER A 40 32.47 0.83 -9.20
C SER A 40 31.09 0.58 -8.64
N ARG A 41 31.00 0.42 -7.30
CA ARG A 41 29.78 0.46 -6.52
C ARG A 41 28.82 1.56 -7.04
N VAL A 42 29.28 2.83 -7.11
CA VAL A 42 28.43 3.94 -7.52
C VAL A 42 27.82 3.74 -8.91
N ARG A 43 28.64 3.35 -9.89
CA ARG A 43 28.16 2.99 -11.23
C ARG A 43 27.10 1.89 -11.20
N ARG A 44 27.28 0.84 -10.39
CA ARG A 44 26.32 -0.23 -10.33
C ARG A 44 24.95 0.32 -9.75
N LEU A 45 25.02 1.11 -8.67
CA LEU A 45 23.90 1.82 -8.07
C LEU A 45 23.20 2.60 -9.14
N GLU A 46 23.94 3.27 -10.00
CA GLU A 46 23.28 3.97 -11.10
C GLU A 46 22.58 3.09 -12.13
N SER A 47 23.13 1.93 -12.45
CA SER A 47 22.65 1.22 -13.65
C SER A 47 21.52 0.30 -13.21
N ARG A 48 21.56 -0.19 -11.97
CA ARG A 48 20.43 -0.84 -11.39
C ARG A 48 19.44 0.28 -11.05
N GLY A 49 18.38 0.00 -10.36
CA GLY A 49 17.50 1.18 -10.13
C GLY A 49 17.91 2.33 -9.20
N VAL A 50 19.01 2.23 -8.45
CA VAL A 50 19.05 2.79 -7.10
C VAL A 50 19.29 4.29 -7.03
N VAL A 51 20.28 4.83 -7.74
CA VAL A 51 20.51 6.29 -7.84
C VAL A 51 19.99 6.70 -9.21
N GLN A 52 19.12 7.70 -9.21
CA GLN A 52 18.31 8.01 -10.38
C GLN A 52 18.82 9.23 -11.03
N GLY A 53 19.71 9.95 -10.36
CA GLY A 53 20.35 11.11 -10.99
C GLY A 53 20.77 11.97 -9.82
N TYR A 54 21.29 13.15 -10.12
CA TYR A 54 21.84 14.00 -9.10
C TYR A 54 21.36 15.37 -9.43
N SER A 55 21.02 16.20 -8.44
CA SER A 55 20.36 17.49 -8.70
C SER A 55 20.77 18.53 -7.66
N ALA A 56 21.10 19.76 -8.10
CA ALA A 56 21.07 20.91 -7.16
C ALA A 56 19.63 21.13 -6.73
N ARG A 57 19.40 21.17 -5.42
CA ARG A 57 18.11 21.56 -4.89
C ARG A 57 18.01 23.11 -4.97
N ILE A 58 17.16 23.57 -5.88
CA ILE A 58 16.99 24.98 -6.20
C ILE A 58 15.81 25.71 -5.52
N ASN A 59 16.00 26.94 -5.08
CA ASN A 59 14.90 27.63 -4.33
C ASN A 59 13.88 28.11 -5.36
N PRO A 60 12.62 27.56 -5.34
CA PRO A 60 11.70 27.86 -6.46
C PRO A 60 11.37 29.37 -6.42
N GLU A 61 11.24 29.95 -5.22
CA GLU A 61 11.15 31.43 -5.12
C GLU A 61 12.26 32.23 -5.75
N ALA A 62 13.53 31.92 -5.48
CA ALA A 62 14.65 32.70 -6.08
C ALA A 62 14.54 32.76 -7.60
N VAL A 63 13.99 31.72 -8.25
CA VAL A 63 13.93 31.74 -9.71
C VAL A 63 12.62 32.23 -10.25
N GLY A 64 11.77 32.81 -9.40
CA GLY A 64 10.47 33.38 -9.85
C GLY A 64 9.15 32.56 -9.78
N HIS A 65 9.19 31.39 -9.16
CA HIS A 65 8.01 30.57 -8.99
C HIS A 65 7.52 30.94 -7.61
N LEU A 66 6.63 31.94 -7.52
CA LEU A 66 6.05 32.30 -6.24
C LEU A 66 4.81 31.50 -5.84
N LEU A 67 4.26 30.65 -6.71
CA LEU A 67 3.04 29.92 -6.34
C LEU A 67 3.23 28.49 -6.65
N SER A 68 3.03 27.63 -5.69
CA SER A 68 3.04 26.22 -5.93
C SER A 68 1.68 25.61 -5.62
N ALA A 69 1.26 24.56 -6.35
CA ALA A 69 -0.01 23.96 -6.04
C ALA A 69 0.05 22.43 -6.19
N PHE A 70 -0.81 21.70 -5.48
CA PHE A 70 -1.06 20.29 -5.87
C PHE A 70 -2.29 20.34 -6.79
N VAL A 71 -2.27 19.55 -7.84
CA VAL A 71 -3.46 19.42 -8.61
C VAL A 71 -3.82 17.97 -8.78
N ALA A 72 -4.95 17.56 -8.21
CA ALA A 72 -5.44 16.24 -8.48
C ALA A 72 -6.23 16.25 -9.86
N ILE A 73 -6.04 15.25 -10.71
CA ILE A 73 -6.70 15.18 -11.99
C ILE A 73 -7.40 13.85 -12.19
N THR A 74 -8.57 13.97 -12.81
CA THR A 74 -9.30 12.80 -13.17
C THR A 74 -9.86 12.82 -14.63
N PRO A 75 -9.54 11.79 -15.43
CA PRO A 75 -9.99 11.72 -16.88
C PRO A 75 -11.49 11.90 -17.04
N LEU A 76 -11.87 12.73 -18.01
CA LEU A 76 -13.22 12.90 -18.45
C LEU A 76 -13.85 11.61 -18.99
N ASP A 77 -13.09 10.81 -19.73
CA ASP A 77 -13.50 9.50 -20.15
C ASP A 77 -12.53 8.43 -19.64
N PRO A 78 -12.83 7.80 -18.49
CA PRO A 78 -11.86 6.82 -17.95
C PRO A 78 -11.75 5.45 -18.64
N SER A 79 -12.54 5.24 -19.68
CA SER A 79 -12.60 3.90 -20.34
C SER A 79 -11.39 3.70 -21.26
N GLN A 80 -11.01 4.78 -21.95
CA GLN A 80 -9.78 4.83 -22.77
C GLN A 80 -8.53 4.50 -21.88
N PRO A 81 -7.63 3.61 -22.37
CA PRO A 81 -6.36 3.54 -21.60
C PRO A 81 -5.73 4.94 -21.49
N ASP A 82 -5.15 5.14 -20.33
CA ASP A 82 -4.92 6.44 -19.82
C ASP A 82 -3.51 6.90 -20.17
N ASP A 83 -3.52 8.06 -20.79
CA ASP A 83 -2.40 8.73 -21.34
C ASP A 83 -1.63 9.79 -20.49
N ALA A 84 -2.19 10.19 -19.36
CA ALA A 84 -2.06 11.57 -18.88
C ALA A 84 -0.63 12.02 -18.52
N PRO A 85 0.14 11.16 -17.79
CA PRO A 85 1.54 11.51 -17.50
C PRO A 85 2.40 11.77 -18.75
N ALA A 86 2.21 10.94 -19.79
CA ALA A 86 2.95 11.11 -21.10
C ALA A 86 2.52 12.39 -21.77
N ARG A 87 1.22 12.63 -21.90
CA ARG A 87 0.80 13.91 -22.43
C ARG A 87 1.19 15.16 -21.60
N LEU A 88 1.38 15.07 -20.27
CA LEU A 88 1.70 16.32 -19.52
C LEU A 88 3.21 16.51 -19.36
N GLU A 89 3.96 15.56 -19.87
CA GLU A 89 5.36 15.50 -19.62
C GLU A 89 6.01 16.72 -20.24
N HIS A 90 5.39 17.22 -21.26
CA HIS A 90 5.97 18.27 -21.99
C HIS A 90 5.55 19.66 -21.49
N ILE A 91 4.57 19.75 -20.58
CA ILE A 91 4.30 21.01 -19.84
C ILE A 91 5.36 21.13 -18.75
N GLU A 92 6.17 22.18 -18.82
CA GLU A 92 7.37 22.28 -18.01
C GLU A 92 7.10 22.69 -16.60
N GLU A 93 6.02 23.42 -16.37
CA GLU A 93 5.82 23.74 -15.02
C GLU A 93 5.16 22.59 -14.25
N VAL A 94 4.93 21.43 -14.88
CA VAL A 94 4.69 20.29 -14.05
C VAL A 94 5.95 19.55 -13.52
N GLU A 95 6.18 19.56 -12.20
CA GLU A 95 7.40 19.08 -11.55
C GLU A 95 7.30 17.60 -11.17
N SER A 96 6.10 17.16 -10.78
CA SER A 96 5.91 15.74 -10.42
C SER A 96 4.54 15.22 -10.80
N CYS A 97 4.47 13.92 -11.01
CA CYS A 97 3.27 13.27 -11.42
C CYS A 97 3.16 11.89 -10.76
N TYR A 98 2.15 11.73 -9.93
CA TYR A 98 1.91 10.48 -9.27
C TYR A 98 0.55 9.96 -9.65
N SER A 99 0.43 8.64 -9.77
CA SER A 99 -0.96 8.10 -9.83
C SER A 99 -1.31 7.70 -8.39
N VAL A 100 -2.58 7.66 -8.07
CA VAL A 100 -2.97 7.69 -6.67
C VAL A 100 -4.19 6.77 -6.56
N ALA A 101 -4.45 6.23 -5.39
CA ALA A 101 -5.64 5.50 -5.18
C ALA A 101 -6.76 6.49 -4.78
N THR A 102 -7.99 6.02 -4.74
CA THR A 102 -9.09 6.81 -4.23
C THR A 102 -9.87 7.40 -5.40
N GLU A 103 -10.22 8.65 -5.31
CA GLU A 103 -11.28 9.07 -6.19
C GLU A 103 -10.66 9.70 -7.43
N GLU A 104 -9.54 10.39 -7.29
CA GLU A 104 -8.83 10.96 -8.41
C GLU A 104 -7.83 10.02 -8.96
N SER A 105 -7.32 10.26 -10.17
CA SER A 105 -6.34 9.39 -10.73
C SER A 105 -4.89 9.82 -10.55
N TYR A 106 -4.59 11.13 -10.71
CA TYR A 106 -3.21 11.57 -10.47
C TYR A 106 -3.09 12.80 -9.67
N VAL A 107 -1.96 12.95 -8.99
CA VAL A 107 -1.70 14.18 -8.32
C VAL A 107 -0.43 14.76 -9.02
N LEU A 108 -0.51 16.04 -9.38
CA LEU A 108 0.63 16.81 -9.84
C LEU A 108 1.10 17.84 -8.84
N LEU A 109 2.41 18.10 -8.83
CA LEU A 109 2.90 19.31 -8.19
C LEU A 109 3.28 20.24 -9.32
N VAL A 110 2.97 21.51 -9.15
CA VAL A 110 3.08 22.48 -10.23
C VAL A 110 3.65 23.78 -9.62
N ARG A 111 4.48 24.52 -10.35
CA ARG A 111 4.97 25.81 -9.83
C ARG A 111 4.84 26.85 -10.91
N VAL A 112 4.52 28.08 -10.50
CA VAL A 112 4.03 29.06 -11.46
C VAL A 112 4.41 30.47 -10.90
N ALA A 113 4.45 31.46 -11.75
CA ALA A 113 4.84 32.80 -11.28
C ALA A 113 3.74 33.53 -10.48
N SER A 114 2.45 33.25 -10.71
CA SER A 114 1.38 34.08 -10.05
C SER A 114 0.00 33.41 -10.19
N ALA A 115 -1.02 34.03 -9.56
CA ALA A 115 -2.38 33.53 -9.65
C ALA A 115 -2.78 33.49 -11.10
N ARG A 116 -2.54 34.55 -11.85
CA ARG A 116 -2.96 34.48 -13.24
C ARG A 116 -2.24 33.42 -14.04
N ALA A 117 -0.97 33.16 -13.74
CA ALA A 117 -0.32 32.12 -14.50
C ALA A 117 -0.88 30.75 -14.06
N LEU A 118 -1.37 30.62 -12.81
CA LEU A 118 -1.98 29.34 -12.43
C LEU A 118 -3.21 29.08 -13.20
N GLU A 119 -4.11 30.07 -13.34
CA GLU A 119 -5.35 29.71 -14.12
C GLU A 119 -5.13 29.31 -15.54
N ASP A 120 -4.18 29.96 -16.16
CA ASP A 120 -3.77 29.59 -17.47
C ASP A 120 -3.18 28.19 -17.50
N LEU A 121 -2.31 27.80 -16.54
CA LEU A 121 -1.84 26.41 -16.52
C LEU A 121 -3.00 25.38 -16.33
N LEU A 122 -3.98 25.70 -15.50
CA LEU A 122 -5.10 24.75 -15.25
C LEU A 122 -5.80 24.48 -16.56
N GLN A 123 -6.05 25.55 -17.33
CA GLN A 123 -6.62 25.35 -18.74
C GLN A 123 -5.76 24.46 -19.53
N ARG A 124 -4.47 24.70 -19.56
CA ARG A 124 -3.60 23.83 -20.38
C ARG A 124 -3.66 22.44 -19.89
N ILE A 125 -3.68 22.21 -18.57
CA ILE A 125 -3.78 20.85 -18.11
C ILE A 125 -5.13 20.22 -18.50
N ARG A 126 -6.23 20.93 -18.25
CA ARG A 126 -7.55 20.38 -18.57
C ARG A 126 -7.57 19.98 -20.04
N THR A 127 -7.02 20.82 -20.91
CA THR A 127 -7.09 20.43 -22.31
C THR A 127 -6.11 19.42 -22.82
N THR A 128 -4.86 19.44 -22.36
CA THR A 128 -3.98 18.44 -22.89
C THR A 128 -4.17 17.05 -22.32
N ALA A 129 -4.69 16.90 -21.12
CA ALA A 129 -4.88 15.50 -20.71
C ALA A 129 -6.35 15.10 -20.76
N ASN A 130 -7.21 16.08 -20.99
CA ASN A 130 -8.66 15.82 -21.06
C ASN A 130 -9.21 15.40 -19.68
N VAL A 131 -9.13 16.30 -18.68
CA VAL A 131 -9.14 15.88 -17.28
C VAL A 131 -9.93 16.92 -16.54
N ARG A 132 -10.62 16.62 -15.44
CA ARG A 132 -11.02 17.70 -14.52
C ARG A 132 -9.95 17.91 -13.47
N THR A 133 -9.90 19.09 -12.83
CA THR A 133 -8.79 19.40 -11.96
C THR A 133 -9.37 19.76 -10.61
N ARG A 134 -8.64 19.47 -9.54
CA ARG A 134 -8.94 20.00 -8.16
C ARG A 134 -7.57 20.53 -7.67
N SER A 135 -7.47 21.83 -7.40
CA SER A 135 -6.21 22.48 -6.96
C SER A 135 -6.17 22.78 -5.50
N THR A 136 -5.01 22.56 -4.85
CA THR A 136 -4.72 22.94 -3.46
C THR A 136 -3.45 23.81 -3.49
N ILE A 137 -3.59 25.14 -3.33
CA ILE A 137 -2.41 26.03 -3.19
C ILE A 137 -1.59 25.67 -1.97
N ILE A 138 -0.29 25.75 -2.11
CA ILE A 138 0.62 25.50 -1.05
C ILE A 138 0.93 26.87 -0.48
N LEU A 139 0.78 27.08 0.82
CA LEU A 139 1.05 28.37 1.44
C LEU A 139 2.54 28.47 1.87
N ASN A 140 3.08 27.36 2.37
CA ASN A 140 4.44 27.34 2.88
C ASN A 140 5.07 25.93 2.83
N THR A 141 6.34 25.84 2.50
CA THR A 141 7.06 24.58 2.57
C THR A 141 7.89 24.52 3.85
N PHE A 142 7.53 23.67 4.80
CA PHE A 142 8.31 23.64 6.02
C PHE A 142 9.58 22.89 5.90
N TYR A 143 9.58 21.75 5.22
CA TYR A 143 10.80 21.01 4.83
C TYR A 143 10.40 20.08 3.68
N SER A 144 11.28 19.75 2.78
CA SER A 144 10.90 18.80 1.75
C SER A 144 12.09 17.93 1.40
N ASP A 145 11.86 16.90 0.60
CA ASP A 145 12.90 15.96 0.20
C ASP A 145 13.79 15.49 1.31
N ARG A 146 13.31 15.27 2.51
CA ARG A 146 14.24 14.69 3.42
C ARG A 146 14.27 13.19 3.23
N GLN A 147 15.20 12.72 2.38
CA GLN A 147 15.22 11.31 2.03
C GLN A 147 15.77 10.49 3.15
N HIS A 148 15.16 9.33 3.39
CA HIS A 148 15.45 8.53 4.54
C HIS A 148 15.90 7.14 4.08
N ILE A 149 17.15 6.83 4.40
CA ILE A 149 17.67 5.51 4.11
C ILE A 149 17.73 4.70 5.41
N PRO A 150 16.85 3.68 5.51
CA PRO A 150 16.70 2.71 6.63
C PRO A 150 17.57 1.42 6.44
N ALA B 4 16.92 40.60 -9.65
CA ALA B 4 17.42 39.86 -10.84
C ALA B 4 17.94 38.41 -10.56
N LEU B 5 18.53 37.83 -11.61
CA LEU B 5 19.28 36.58 -11.64
C LEU B 5 19.74 36.55 -13.09
N ASP B 6 20.91 37.16 -13.32
CA ASP B 6 21.43 37.39 -14.67
C ASP B 6 21.42 36.09 -15.47
N ASP B 7 20.89 36.09 -16.69
CA ASP B 7 20.68 34.81 -17.39
C ASP B 7 21.94 33.99 -17.84
N ILE B 8 23.11 34.33 -17.30
CA ILE B 8 24.22 33.36 -17.24
C ILE B 8 24.05 32.51 -15.95
N ASP B 9 23.83 33.18 -14.80
CA ASP B 9 23.31 32.54 -13.59
C ASP B 9 22.15 31.54 -13.85
N ARG B 10 21.24 31.91 -14.77
CA ARG B 10 20.14 31.04 -15.19
C ARG B 10 20.61 29.79 -15.90
N ILE B 11 21.53 29.92 -16.87
CA ILE B 11 22.04 28.72 -17.60
C ILE B 11 22.72 27.72 -16.61
N LEU B 12 23.40 28.26 -15.60
CA LEU B 12 24.00 27.50 -14.52
C LEU B 12 23.01 26.72 -13.64
N VAL B 13 21.95 27.39 -13.19
CA VAL B 13 20.98 26.70 -12.38
C VAL B 13 20.26 25.62 -13.19
N ARG B 14 19.95 25.84 -14.47
CA ARG B 14 19.36 24.77 -15.34
C ARG B 14 20.23 23.57 -15.42
N GLU B 15 21.54 23.82 -15.57
CA GLU B 15 22.58 22.79 -15.79
C GLU B 15 22.79 21.93 -14.55
N LEU B 16 22.80 22.62 -13.41
CA LEU B 16 23.00 22.01 -12.14
C LEU B 16 21.73 21.29 -11.63
N ALA B 17 20.55 21.78 -12.06
CA ALA B 17 19.27 21.14 -11.71
C ALA B 17 19.18 19.81 -12.46
N ALA B 18 19.61 19.79 -13.72
CA ALA B 18 19.61 18.60 -14.57
C ALA B 18 20.74 17.58 -14.21
N ASP B 19 21.82 18.08 -13.61
CA ASP B 19 23.03 17.29 -13.30
C ASP B 19 23.82 17.91 -12.17
N GLY B 20 23.57 17.46 -10.95
CA GLY B 20 24.26 18.01 -9.82
C GLY B 20 25.73 17.61 -9.74
N ARG B 21 26.18 16.62 -10.54
CA ARG B 21 27.60 16.18 -10.55
C ARG B 21 28.42 16.80 -11.66
N ALA B 22 27.76 17.48 -12.61
CA ALA B 22 28.37 18.40 -13.61
C ALA B 22 29.53 19.14 -12.98
N THR B 23 30.63 19.18 -13.71
CA THR B 23 31.91 19.65 -13.16
C THR B 23 32.18 21.14 -13.35
N LEU B 24 32.87 21.76 -12.41
CA LEU B 24 33.23 23.16 -12.58
C LEU B 24 33.71 23.35 -14.04
N SER B 25 34.67 22.51 -14.43
CA SER B 25 35.10 22.30 -15.84
C SER B 25 33.95 22.31 -16.90
N GLU B 26 33.31 21.17 -17.20
CA GLU B 26 32.34 21.02 -18.34
C GLU B 26 31.19 22.04 -18.38
N LEU B 27 30.94 22.72 -17.25
CA LEU B 27 29.90 23.73 -17.18
C LEU B 27 30.37 24.90 -18.00
N ALA B 28 31.59 25.36 -17.69
CA ALA B 28 32.23 26.49 -18.37
C ALA B 28 32.24 26.50 -19.92
N THR B 29 32.19 25.32 -20.58
CA THR B 29 31.90 25.27 -22.05
C THR B 29 30.47 25.77 -22.30
N ARG B 30 29.46 24.89 -22.14
CA ARG B 30 28.02 25.23 -22.28
C ARG B 30 27.64 26.67 -21.83
N ALA B 31 28.28 27.16 -20.76
CA ALA B 31 28.01 28.50 -20.19
C ALA B 31 28.64 29.69 -20.92
N GLY B 32 29.85 29.48 -21.48
CA GLY B 32 30.69 30.54 -22.07
C GLY B 32 31.41 31.39 -21.03
N LEU B 33 32.17 30.76 -20.14
CA LEU B 33 33.02 31.47 -19.13
C LEU B 33 34.32 30.70 -18.77
N SER B 34 35.03 31.12 -17.71
CA SER B 34 36.25 30.45 -17.21
C SER B 34 36.02 29.62 -15.91
N VAL B 35 36.71 28.48 -15.78
CA VAL B 35 36.76 27.65 -14.53
C VAL B 35 36.86 28.43 -13.20
N SER B 36 37.32 29.68 -13.34
CA SER B 36 37.47 30.62 -12.26
C SER B 36 36.15 31.37 -12.14
N ALA B 37 35.70 31.93 -13.27
CA ALA B 37 34.44 32.71 -13.36
C ALA B 37 33.17 31.89 -13.00
N VAL B 38 33.01 30.69 -13.58
CA VAL B 38 31.94 29.73 -13.17
C VAL B 38 31.94 29.44 -11.66
N GLN B 39 33.12 29.26 -11.08
CA GLN B 39 33.20 28.79 -9.72
C GLN B 39 32.69 29.82 -8.73
N SER B 40 32.73 31.10 -9.14
CA SER B 40 32.33 32.19 -8.24
C SER B 40 30.83 32.34 -8.19
N ARG B 41 30.21 32.53 -9.37
CA ARG B 41 28.76 32.64 -9.55
C ARG B 41 28.05 31.57 -8.69
N VAL B 42 28.51 30.31 -8.84
CA VAL B 42 28.07 29.13 -8.08
C VAL B 42 28.17 29.34 -6.56
N ARG B 43 29.29 29.87 -6.08
CA ARG B 43 29.41 30.14 -4.63
C ARG B 43 28.47 31.31 -4.17
N ARG B 44 28.19 32.24 -5.09
CA ARG B 44 27.32 33.39 -4.84
C ARG B 44 25.86 32.89 -4.85
N LEU B 45 25.61 31.93 -5.75
CA LEU B 45 24.32 31.23 -5.86
C LEU B 45 24.01 30.39 -4.62
N GLU B 46 25.03 29.83 -3.98
CA GLU B 46 24.83 29.03 -2.75
C GLU B 46 24.68 29.91 -1.50
N SER B 47 25.24 31.12 -1.54
CA SER B 47 25.22 32.07 -0.41
C SER B 47 23.87 32.83 -0.37
N ARG B 48 23.57 33.59 -1.44
CA ARG B 48 22.17 33.96 -1.73
C ARG B 48 21.43 32.59 -1.66
N GLY B 49 20.24 32.47 -1.04
CA GLY B 49 19.65 31.09 -0.98
C GLY B 49 19.17 30.33 -2.25
N VAL B 50 19.88 30.39 -3.38
CA VAL B 50 19.38 29.86 -4.66
C VAL B 50 19.59 28.33 -4.90
N VAL B 51 20.80 27.82 -4.77
CA VAL B 51 20.93 26.37 -4.79
C VAL B 51 21.12 26.02 -3.35
N GLN B 52 20.46 25.01 -2.86
CA GLN B 52 20.41 24.78 -1.43
C GLN B 52 21.19 23.55 -0.99
N GLY B 53 21.67 22.75 -1.92
CA GLY B 53 22.07 21.40 -1.57
C GLY B 53 22.24 20.72 -2.87
N TYR B 54 22.93 19.57 -2.83
CA TYR B 54 23.03 18.72 -4.00
C TYR B 54 22.69 17.39 -3.44
N SER B 55 21.89 16.59 -4.15
CA SER B 55 21.36 15.37 -3.58
C SER B 55 21.35 14.47 -4.77
N ALA B 56 21.62 13.19 -4.56
CA ALA B 56 21.40 12.18 -5.54
C ALA B 56 19.97 11.74 -5.31
N ARG B 57 19.30 11.42 -6.40
CA ARG B 57 17.91 10.98 -6.30
C ARG B 57 17.87 9.47 -6.12
N ILE B 58 17.53 9.04 -4.92
CA ILE B 58 17.43 7.63 -4.61
C ILE B 58 16.05 7.01 -4.91
N ASN B 59 16.00 5.91 -5.65
CA ASN B 59 14.76 5.17 -5.81
C ASN B 59 14.26 4.56 -4.50
N PRO B 60 13.07 4.99 -4.00
CA PRO B 60 12.61 4.54 -2.69
C PRO B 60 12.30 3.03 -2.58
N GLU B 61 11.87 2.41 -3.67
CA GLU B 61 11.61 0.96 -3.61
C GLU B 61 12.87 0.12 -3.39
N ALA B 62 13.98 0.52 -4.01
CA ALA B 62 15.30 -0.14 -3.87
C ALA B 62 15.86 -0.14 -2.47
N VAL B 63 15.48 0.83 -1.65
CA VAL B 63 15.87 0.86 -0.24
C VAL B 63 14.82 0.34 0.72
N GLY B 64 13.78 -0.35 0.19
CA GLY B 64 12.77 -0.95 1.09
C GLY B 64 11.48 -0.11 1.36
N HIS B 65 11.34 1.06 0.72
CA HIS B 65 10.07 1.86 0.88
C HIS B 65 9.13 1.41 -0.20
N LEU B 66 8.32 0.40 0.10
CA LEU B 66 7.40 -0.12 -0.93
C LEU B 66 6.07 0.66 -0.99
N LEU B 67 5.68 1.41 0.05
CA LEU B 67 4.47 2.23 -0.05
C LEU B 67 4.80 3.67 0.27
N SER B 68 4.46 4.54 -0.66
CA SER B 68 4.45 5.95 -0.36
C SER B 68 2.99 6.45 -0.28
N ALA B 69 2.73 7.55 0.44
CA ALA B 69 1.37 8.06 0.66
C ALA B 69 1.49 9.55 0.83
N PHE B 70 0.46 10.31 0.44
CA PHE B 70 0.24 11.71 0.91
C PHE B 70 -0.63 11.55 2.11
N VAL B 71 -0.32 12.29 3.15
CA VAL B 71 -1.12 12.17 4.31
C VAL B 71 -1.60 13.58 4.60
N ALA B 72 -2.89 13.84 4.56
CA ALA B 72 -3.33 15.19 4.84
C ALA B 72 -3.75 15.27 6.31
N ILE B 73 -3.42 16.36 7.03
CA ILE B 73 -3.67 16.40 8.47
C ILE B 73 -4.23 17.74 8.90
N THR B 74 -5.08 17.74 9.90
CA THR B 74 -5.69 18.97 10.41
C THR B 74 -5.67 18.88 11.93
N PRO B 75 -5.05 19.88 12.59
CA PRO B 75 -5.14 19.89 14.06
C PRO B 75 -6.56 19.79 14.61
N LEU B 76 -6.67 19.08 15.71
CA LEU B 76 -7.99 18.79 16.31
C LEU B 76 -8.46 19.86 17.26
N ASP B 77 -7.50 20.55 17.90
CA ASP B 77 -7.77 21.60 18.89
C ASP B 77 -7.20 22.97 18.50
N PRO B 78 -8.07 23.84 18.07
CA PRO B 78 -7.61 25.15 17.64
C PRO B 78 -7.23 26.11 18.82
N SER B 79 -7.53 25.75 20.08
CA SER B 79 -6.94 26.56 21.18
C SER B 79 -5.46 26.31 21.39
N GLN B 80 -4.90 25.25 20.82
CA GLN B 80 -3.48 24.98 21.00
C GLN B 80 -2.69 25.60 19.86
N PRO B 81 -1.41 25.96 20.08
CA PRO B 81 -0.53 26.41 18.99
C PRO B 81 -0.45 25.45 17.80
N ASP B 82 -0.49 25.96 16.60
CA ASP B 82 -0.55 25.03 15.51
C ASP B 82 0.91 24.82 15.11
N ASP B 83 1.53 23.79 15.68
CA ASP B 83 2.96 23.55 15.50
C ASP B 83 3.30 22.14 14.90
N ALA B 84 2.44 21.60 14.03
CA ALA B 84 2.55 20.20 13.63
C ALA B 84 3.82 19.89 12.84
N PRO B 85 4.25 20.82 11.93
CA PRO B 85 5.54 20.60 11.24
C PRO B 85 6.69 20.35 12.17
N ALA B 86 6.91 21.26 13.13
CA ALA B 86 7.92 21.11 14.19
C ALA B 86 7.72 19.82 14.98
N ARG B 87 6.48 19.52 15.37
CA ARG B 87 6.26 18.29 16.08
C ARG B 87 6.55 17.00 15.36
N LEU B 88 6.54 16.98 14.03
CA LEU B 88 6.66 15.73 13.27
C LEU B 88 8.02 15.63 12.63
N GLU B 89 8.81 16.68 12.85
CA GLU B 89 10.11 16.78 12.24
C GLU B 89 11.04 15.59 12.61
N HIS B 90 10.91 15.03 13.81
CA HIS B 90 11.82 13.99 14.15
C HIS B 90 11.34 12.72 13.49
N ILE B 91 10.08 12.70 13.00
CA ILE B 91 9.67 11.47 12.37
C ILE B 91 10.31 11.31 10.95
N GLU B 92 11.22 10.36 10.82
CA GLU B 92 12.03 10.24 9.62
C GLU B 92 11.27 9.75 8.41
N GLU B 93 10.16 9.07 8.60
CA GLU B 93 9.47 8.72 7.39
C GLU B 93 8.67 9.87 6.74
N VAL B 94 8.51 11.01 7.44
CA VAL B 94 8.01 12.16 6.71
C VAL B 94 9.08 12.85 5.90
N GLU B 95 9.04 12.61 4.60
CA GLU B 95 9.90 13.21 3.64
C GLU B 95 9.61 14.70 3.38
N SER B 96 8.35 15.13 3.47
CA SER B 96 7.95 16.53 3.06
C SER B 96 6.76 16.98 3.84
N CYS B 97 6.68 18.27 4.10
CA CYS B 97 5.62 18.77 4.89
C CYS B 97 5.22 20.15 4.35
N TYR B 98 3.99 20.28 3.89
CA TYR B 98 3.53 21.54 3.27
C TYR B 98 2.33 22.06 4.02
N SER B 99 2.18 23.38 4.12
CA SER B 99 0.86 23.89 4.55
C SER B 99 0.11 24.15 3.31
N VAL B 100 -1.21 24.08 3.38
CA VAL B 100 -2.00 24.08 2.17
C VAL B 100 -3.26 24.93 2.38
N ALA B 101 -3.84 25.44 1.30
CA ALA B 101 -5.20 26.02 1.33
C ALA B 101 -6.17 25.01 0.79
N THR B 102 -6.91 24.28 1.59
CA THR B 102 -7.98 23.37 1.06
C THR B 102 -8.82 22.85 2.20
N GLU B 103 -9.17 21.55 2.25
CA GLU B 103 -9.94 21.00 3.42
C GLU B 103 -9.09 20.70 4.67
N GLU B 104 -7.81 20.53 4.47
CA GLU B 104 -6.93 20.07 5.47
C GLU B 104 -5.87 21.18 5.59
N SER B 105 -5.09 21.19 6.64
CA SER B 105 -4.10 22.24 6.93
C SER B 105 -2.74 21.92 6.39
N TYR B 106 -2.32 20.63 6.43
CA TYR B 106 -1.00 20.27 5.90
C TYR B 106 -1.09 19.02 5.07
N VAL B 107 -0.11 18.81 4.16
CA VAL B 107 0.03 17.61 3.42
C VAL B 107 1.46 17.14 3.68
N LEU B 108 1.67 15.83 3.94
CA LEU B 108 2.96 15.25 4.19
C LEU B 108 3.16 14.23 3.12
N LEU B 109 4.38 13.97 2.68
CA LEU B 109 4.61 12.83 1.85
C LEU B 109 5.43 11.91 2.75
N VAL B 110 5.05 10.65 2.80
CA VAL B 110 5.50 9.70 3.76
C VAL B 110 5.93 8.45 2.94
N ARG B 111 6.98 7.76 3.34
CA ARG B 111 7.39 6.49 2.71
C ARG B 111 7.57 5.41 3.81
N VAL B 112 7.23 4.17 3.50
CA VAL B 112 7.03 3.24 4.58
C VAL B 112 7.22 1.84 3.98
N ALA B 113 7.53 0.88 4.81
CA ALA B 113 7.92 -0.45 4.31
C ALA B 113 6.71 -1.21 3.69
N SER B 114 5.53 -1.04 4.27
CA SER B 114 4.36 -1.80 3.84
C SER B 114 3.05 -1.13 4.34
N ALA B 115 1.93 -1.74 3.94
CA ALA B 115 0.59 -1.22 4.28
C ALA B 115 0.41 -1.24 5.79
N ARG B 116 1.06 -2.16 6.44
CA ARG B 116 0.86 -2.34 7.85
C ARG B 116 1.79 -1.39 8.59
N ALA B 117 3.00 -1.13 8.08
CA ALA B 117 3.77 0.02 8.65
C ALA B 117 3.02 1.39 8.50
N LEU B 118 2.29 1.61 7.41
CA LEU B 118 1.56 2.88 7.28
C LEU B 118 0.55 3.03 8.40
N GLU B 119 -0.15 1.97 8.72
CA GLU B 119 -1.12 2.06 9.80
C GLU B 119 -0.51 2.54 11.15
N ASP B 120 0.62 1.98 11.51
CA ASP B 120 1.41 2.49 12.61
C ASP B 120 1.87 3.95 12.50
N LEU B 121 2.41 4.31 11.33
CA LEU B 121 2.85 5.66 11.15
C LEU B 121 1.66 6.60 11.41
N LEU B 122 0.48 6.24 10.92
CA LEU B 122 -0.65 7.13 11.01
C LEU B 122 -0.99 7.33 12.46
N GLN B 123 -0.99 6.26 13.25
CA GLN B 123 -1.34 6.46 14.66
C GLN B 123 -0.28 7.30 15.38
N ARG B 124 0.96 7.13 15.03
CA ARG B 124 1.98 7.89 15.59
C ARG B 124 1.87 9.38 15.18
N ILE B 125 1.56 9.70 13.92
CA ILE B 125 1.30 11.07 13.52
C ILE B 125 0.18 11.69 14.35
N ARG B 126 -0.85 10.91 14.57
CA ARG B 126 -2.03 11.41 15.23
C ARG B 126 -1.74 11.72 16.71
N THR B 127 -0.99 10.88 17.41
CA THR B 127 -0.89 11.10 18.85
C THR B 127 0.24 12.08 19.05
N THR B 128 1.27 12.00 18.22
CA THR B 128 2.26 13.03 18.36
C THR B 128 1.91 14.50 17.96
N ALA B 129 1.38 14.80 16.77
CA ALA B 129 1.02 16.19 16.46
C ALA B 129 -0.42 16.17 16.93
N ASN B 130 -1.23 17.18 17.03
CA ASN B 130 -2.50 16.50 17.58
C ASN B 130 -3.64 16.47 16.54
N VAL B 131 -3.54 15.56 15.55
CA VAL B 131 -4.23 15.72 14.25
C VAL B 131 -5.16 14.58 13.82
N ARG B 132 -6.21 14.88 13.03
CA ARG B 132 -6.87 13.83 12.22
C ARG B 132 -6.08 13.55 10.94
N THR B 133 -6.08 12.30 10.46
CA THR B 133 -5.29 11.96 9.26
C THR B 133 -6.20 11.58 8.06
N ARG B 134 -5.80 11.87 6.84
CA ARG B 134 -6.53 11.30 5.71
C ARG B 134 -5.42 10.87 4.75
N SER B 135 -5.38 9.64 4.29
CA SER B 135 -4.23 9.32 3.49
C SER B 135 -4.64 8.88 2.08
N THR B 136 -3.86 9.26 1.07
CA THR B 136 -3.98 8.89 -0.33
C THR B 136 -2.69 8.08 -0.75
N ILE B 137 -2.84 6.85 -1.18
CA ILE B 137 -1.71 5.96 -1.44
C ILE B 137 -1.23 6.14 -2.86
N ILE B 138 0.10 6.30 -3.00
CA ILE B 138 0.75 6.44 -4.29
C ILE B 138 0.93 5.08 -4.88
N LEU B 139 0.53 4.92 -6.12
CA LEU B 139 0.64 3.61 -6.80
C LEU B 139 1.93 3.59 -7.63
N ASN B 140 2.35 4.73 -8.16
CA ASN B 140 3.47 4.77 -9.06
C ASN B 140 3.98 6.22 -9.22
N THR B 141 5.28 6.45 -9.33
CA THR B 141 5.84 7.79 -9.58
C THR B 141 6.25 7.81 -11.03
N PHE B 142 5.63 8.59 -11.88
CA PHE B 142 6.01 8.57 -13.28
C PHE B 142 7.23 9.46 -13.50
N TYR B 143 7.32 10.56 -12.75
CA TYR B 143 8.51 11.41 -12.76
C TYR B 143 8.46 12.33 -11.57
N SER B 144 9.60 12.73 -11.09
CA SER B 144 9.67 13.28 -9.78
C SER B 144 10.65 14.44 -9.96
N ASP B 145 10.49 15.56 -9.26
CA ASP B 145 11.46 16.69 -9.29
C ASP B 145 12.08 17.13 -10.60
N ARG B 146 11.31 17.36 -11.65
CA ARG B 146 11.83 18.00 -12.81
C ARG B 146 11.76 19.50 -12.49
N GLN B 147 12.79 20.09 -11.93
CA GLN B 147 12.81 21.54 -11.70
C GLN B 147 12.88 22.26 -13.02
N HIS B 148 11.95 23.19 -13.21
CA HIS B 148 11.80 24.04 -14.35
C HIS B 148 12.44 25.39 -13.99
N ILE B 149 13.42 25.82 -14.79
CA ILE B 149 13.96 27.16 -14.66
C ILE B 149 13.49 28.04 -15.84
N PRO B 150 12.63 29.05 -15.55
CA PRO B 150 11.80 29.67 -16.61
C PRO B 150 12.55 30.52 -17.67
N ALA C 4 12.67 -15.22 1.35
CA ALA C 4 13.32 -16.43 0.74
C ALA C 4 12.33 -17.60 0.49
N LEU C 5 11.73 -17.65 -0.71
CA LEU C 5 10.89 -18.78 -1.20
C LEU C 5 11.38 -19.31 -2.56
N ASP C 6 12.10 -20.45 -2.54
CA ASP C 6 12.57 -21.08 -3.79
C ASP C 6 11.44 -21.79 -4.51
N ASP C 7 11.73 -22.43 -5.62
CA ASP C 7 10.69 -23.09 -6.42
C ASP C 7 9.98 -24.24 -5.71
N ILE C 8 10.73 -24.98 -4.88
CA ILE C 8 10.20 -26.10 -4.15
C ILE C 8 9.19 -25.58 -3.12
N ASP C 9 9.60 -24.60 -2.33
CA ASP C 9 8.71 -24.00 -1.35
C ASP C 9 7.43 -23.47 -2.01
N ARG C 10 7.56 -22.79 -3.15
CA ARG C 10 6.42 -22.33 -3.93
C ARG C 10 5.48 -23.45 -4.25
N ILE C 11 5.99 -24.55 -4.83
CA ILE C 11 5.15 -25.76 -5.05
C ILE C 11 4.43 -26.28 -3.79
N LEU C 12 5.10 -26.34 -2.65
CA LEU C 12 4.46 -26.87 -1.44
C LEU C 12 3.31 -26.01 -0.96
N VAL C 13 3.50 -24.68 -0.99
CA VAL C 13 2.42 -23.80 -0.57
C VAL C 13 1.24 -23.78 -1.52
N ARG C 14 1.46 -23.87 -2.87
CA ARG C 14 0.33 -24.07 -3.79
C ARG C 14 -0.45 -25.33 -3.42
N GLU C 15 0.24 -26.48 -3.30
CA GLU C 15 -0.46 -27.74 -2.97
C GLU C 15 -1.16 -27.71 -1.64
N LEU C 16 -0.56 -27.07 -0.64
CA LEU C 16 -1.20 -27.06 0.67
C LEU C 16 -2.42 -26.05 0.66
N ALA C 17 -2.34 -25.00 -0.18
CA ALA C 17 -3.50 -24.06 -0.40
C ALA C 17 -4.67 -24.78 -1.02
N ALA C 18 -4.41 -25.55 -2.10
CA ALA C 18 -5.44 -26.36 -2.79
C ALA C 18 -5.89 -27.58 -1.99
N ASP C 19 -5.02 -28.17 -1.16
CA ASP C 19 -5.42 -29.34 -0.32
C ASP C 19 -4.63 -29.44 0.96
N GLY C 20 -5.22 -29.03 2.09
CA GLY C 20 -4.43 -28.82 3.30
C GLY C 20 -4.18 -30.11 4.06
N ARG C 21 -4.83 -31.18 3.61
CA ARG C 21 -4.63 -32.51 4.11
C ARG C 21 -3.78 -33.32 3.11
N ALA C 22 -3.12 -32.70 2.12
CA ALA C 22 -2.13 -33.38 1.26
C ALA C 22 -1.26 -34.15 2.26
N THR C 23 -1.12 -35.45 2.08
CA THR C 23 -0.10 -36.12 2.90
C THR C 23 1.32 -35.98 2.33
N LEU C 24 2.32 -36.13 3.20
CA LEU C 24 3.67 -35.84 2.83
C LEU C 24 4.13 -36.68 1.69
N SER C 25 3.75 -37.95 1.66
CA SER C 25 4.11 -38.79 0.52
C SER C 25 3.63 -38.23 -0.81
N GLU C 26 2.43 -37.64 -0.85
CA GLU C 26 1.95 -37.00 -2.09
C GLU C 26 2.68 -35.71 -2.41
N LEU C 27 2.96 -34.90 -1.38
CA LEU C 27 3.77 -33.69 -1.55
C LEU C 27 5.17 -34.01 -2.05
N ALA C 28 5.78 -35.08 -1.51
CA ALA C 28 7.14 -35.53 -1.88
C ALA C 28 7.28 -35.90 -3.34
N THR C 29 6.36 -36.75 -3.80
CA THR C 29 6.45 -37.19 -5.15
C THR C 29 6.14 -36.06 -6.09
N ARG C 30 5.28 -35.12 -5.65
CA ARG C 30 5.05 -33.87 -6.37
C ARG C 30 6.19 -32.86 -6.42
N ALA C 31 7.03 -32.74 -5.40
CA ALA C 31 8.18 -31.85 -5.49
C ALA C 31 9.50 -32.53 -5.84
N GLY C 32 9.48 -33.85 -6.12
CA GLY C 32 10.74 -34.66 -6.32
C GLY C 32 11.67 -34.61 -5.11
N LEU C 33 11.13 -34.78 -3.92
CA LEU C 33 11.96 -34.79 -2.70
C LEU C 33 11.63 -36.08 -1.96
N SER C 34 12.38 -36.37 -0.91
CA SER C 34 12.00 -37.39 0.01
C SER C 34 10.96 -36.83 1.02
N VAL C 35 10.21 -37.74 1.61
CA VAL C 35 9.21 -37.46 2.60
C VAL C 35 9.83 -36.70 3.75
N SER C 36 11.07 -37.00 4.11
CA SER C 36 11.77 -36.27 5.19
C SER C 36 12.11 -34.84 4.78
N ALA C 37 12.52 -34.66 3.54
CA ALA C 37 12.92 -33.35 3.15
C ALA C 37 11.64 -32.48 3.10
N VAL C 38 10.50 -33.09 2.72
CA VAL C 38 9.24 -32.39 2.60
C VAL C 38 8.82 -31.98 3.98
N GLN C 39 8.84 -32.93 4.89
CA GLN C 39 8.46 -32.60 6.22
C GLN C 39 9.31 -31.47 6.76
N SER C 40 10.53 -31.37 6.31
CA SER C 40 11.40 -30.36 6.84
C SER C 40 11.07 -28.97 6.34
N ARG C 41 11.05 -28.82 4.99
CA ARG C 41 10.50 -27.68 4.27
C ARG C 41 9.17 -27.20 4.93
N VAL C 42 8.18 -28.10 5.09
CA VAL C 42 6.88 -27.74 5.63
C VAL C 42 6.96 -27.12 7.03
N ARG C 43 7.72 -27.74 7.93
CA ARG C 43 8.00 -27.20 9.25
C ARG C 43 8.63 -25.80 9.18
N ARG C 44 9.58 -25.57 8.29
CA ARG C 44 10.22 -24.27 8.19
C ARG C 44 9.16 -23.20 7.71
N LEU C 45 8.34 -23.54 6.72
CA LEU C 45 7.23 -22.76 6.22
C LEU C 45 6.35 -22.41 7.39
N GLU C 46 6.08 -23.36 8.27
CA GLU C 46 5.29 -23.03 9.44
C GLU C 46 5.94 -22.06 10.45
N SER C 47 7.25 -22.16 10.63
CA SER C 47 7.84 -21.46 11.78
C SER C 47 8.24 -20.05 11.33
N ARG C 48 8.58 -19.89 10.06
CA ARG C 48 8.72 -18.59 9.48
C ARG C 48 7.28 -18.10 9.28
N GLY C 49 7.08 -16.98 8.63
CA GLY C 49 5.65 -16.61 8.54
C GLY C 49 4.64 -17.40 7.69
N VAL C 50 5.07 -18.38 6.88
CA VAL C 50 4.44 -18.60 5.58
C VAL C 50 3.14 -19.38 5.62
N VAL C 51 3.07 -20.50 6.32
CA VAL C 51 1.82 -21.25 6.53
C VAL C 51 1.38 -20.95 7.96
N GLN C 52 0.12 -20.52 8.09
CA GLN C 52 -0.33 -19.91 9.31
C GLN C 52 -1.22 -20.83 10.04
N GLY C 53 -1.62 -21.91 9.39
CA GLY C 53 -2.40 -22.96 10.08
C GLY C 53 -3.15 -23.64 8.96
N TYR C 54 -4.02 -24.57 9.33
CA TYR C 54 -4.70 -25.39 8.36
C TYR C 54 -6.12 -25.44 8.83
N SER C 55 -7.10 -25.43 7.93
CA SER C 55 -8.52 -25.30 8.33
C SER C 55 -9.43 -26.04 7.36
N ALA C 56 -10.40 -26.82 7.88
CA ALA C 56 -11.56 -27.19 7.04
C ALA C 56 -12.35 -25.94 6.69
N ARG C 57 -12.59 -25.72 5.42
CA ARG C 57 -13.46 -24.66 4.98
C ARG C 57 -14.93 -25.14 5.19
N ILE C 58 -15.59 -24.54 6.18
CA ILE C 58 -16.92 -24.91 6.62
C ILE C 58 -18.10 -24.07 6.07
N ASN C 59 -19.22 -24.70 5.72
CA ASN C 59 -20.32 -23.92 5.09
C ASN C 59 -21.05 -23.17 6.20
N PRO C 60 -21.00 -21.80 6.20
CA PRO C 60 -21.52 -21.08 7.39
C PRO C 60 -23.04 -21.33 7.49
N GLU C 61 -23.73 -21.40 6.35
CA GLU C 61 -25.14 -21.86 6.37
C GLU C 61 -25.42 -23.20 7.02
N ALA C 62 -24.69 -24.26 6.66
CA ALA C 62 -24.93 -25.60 7.26
C ALA C 62 -24.89 -25.55 8.78
N VAL C 63 -24.07 -24.66 9.36
CA VAL C 63 -23.96 -24.64 10.83
C VAL C 63 -24.85 -23.60 11.47
N GLY C 64 -25.79 -23.02 10.71
CA GLY C 64 -26.75 -22.03 11.27
C GLY C 64 -26.47 -20.51 11.21
N HIS C 65 -25.44 -20.09 10.48
CA HIS C 65 -25.13 -18.70 10.31
C HIS C 65 -25.79 -18.35 8.99
N LEU C 66 -27.04 -17.89 9.02
CA LEU C 66 -27.72 -17.47 7.80
C LEU C 66 -27.48 -16.02 7.42
N LEU C 67 -26.81 -15.20 8.24
CA LEU C 67 -26.62 -13.80 7.86
C LEU C 67 -25.19 -13.46 8.05
N SER C 68 -24.57 -12.92 7.03
CA SER C 68 -23.22 -12.42 7.16
C SER C 68 -23.20 -10.92 6.87
N ALA C 69 -22.31 -10.16 7.52
CA ALA C 69 -22.25 -8.75 7.23
C ALA C 69 -20.81 -8.24 7.25
N PHE C 70 -20.51 -7.14 6.52
CA PHE C 70 -19.27 -6.40 6.80
C PHE C 70 -19.68 -5.30 7.77
N VAL C 71 -18.85 -5.04 8.77
CA VAL C 71 -19.08 -3.91 9.58
C VAL C 71 -17.86 -3.03 9.65
N ALA C 72 -17.96 -1.83 9.10
CA ALA C 72 -16.88 -0.88 9.29
C ALA C 72 -17.06 -0.17 10.71
N ILE C 73 -15.98 0.02 11.45
CA ILE C 73 -16.04 0.62 12.76
C ILE C 73 -15.04 1.77 12.87
N THR C 74 -15.52 2.80 13.57
CA THR C 74 -14.69 3.90 13.86
C THR C 74 -14.76 4.39 15.34
N PRO C 75 -13.62 4.47 16.05
CA PRO C 75 -13.58 4.89 17.49
C PRO C 75 -14.29 6.21 17.75
N LEU C 76 -15.10 6.24 18.81
CA LEU C 76 -15.72 7.44 19.32
C LEU C 76 -14.70 8.49 19.79
N ASP C 77 -13.60 8.06 20.41
CA ASP C 77 -12.50 8.92 20.74
C ASP C 77 -11.21 8.43 20.10
N PRO C 78 -10.85 8.95 18.91
CA PRO C 78 -9.64 8.43 18.24
C PRO C 78 -8.26 8.83 18.82
N SER C 79 -8.26 9.62 19.88
CA SER C 79 -6.98 10.17 20.43
C SER C 79 -6.26 9.09 21.26
N GLN C 80 -7.06 8.33 22.02
CA GLN C 80 -6.57 7.17 22.77
C GLN C 80 -5.90 6.15 21.81
N PRO C 81 -4.69 5.63 22.18
CA PRO C 81 -4.23 4.49 21.34
C PRO C 81 -5.30 3.38 21.32
N ASP C 82 -5.38 2.79 20.15
CA ASP C 82 -6.55 2.10 19.73
C ASP C 82 -6.42 0.62 20.05
N ASP C 83 -7.44 0.19 20.77
CA ASP C 83 -7.59 -1.12 21.31
C ASP C 83 -8.38 -2.21 20.52
N ALA C 84 -9.06 -1.82 19.45
CA ALA C 84 -10.33 -2.44 19.08
C ALA C 84 -10.25 -3.93 18.69
N PRO C 85 -9.25 -4.32 17.86
CA PRO C 85 -9.08 -5.74 17.52
C PRO C 85 -8.89 -6.64 18.75
N ALA C 86 -8.10 -6.19 19.72
CA ALA C 86 -7.85 -6.96 21.00
C ALA C 86 -9.13 -7.05 21.79
N ARG C 87 -9.81 -5.93 22.01
CA ARG C 87 -11.10 -6.03 22.67
C ARG C 87 -12.18 -6.83 21.92
N LEU C 88 -12.16 -6.96 20.59
CA LEU C 88 -13.28 -7.71 19.93
C LEU C 88 -12.92 -9.17 19.71
N GLU C 89 -11.72 -9.53 20.11
CA GLU C 89 -11.16 -10.79 19.76
C GLU C 89 -11.98 -11.88 20.45
N HIS C 90 -12.58 -11.49 21.56
CA HIS C 90 -13.27 -12.43 22.34
C HIS C 90 -14.76 -12.56 21.97
N ILE C 91 -15.30 -11.66 21.12
CA ILE C 91 -16.62 -11.87 20.50
C ILE C 91 -16.45 -12.89 19.37
N GLU C 92 -17.12 -14.02 19.50
CA GLU C 92 -16.84 -15.16 18.65
C GLU C 92 -17.47 -15.04 17.28
N GLU C 93 -18.55 -14.31 17.17
CA GLU C 93 -19.05 -14.21 15.85
C GLU C 93 -18.30 -13.17 15.03
N VAL C 94 -17.26 -12.52 15.57
CA VAL C 94 -16.37 -11.87 14.66
C VAL C 94 -15.27 -12.76 14.01
N GLU C 95 -15.32 -12.96 12.69
CA GLU C 95 -14.49 -13.90 11.94
C GLU C 95 -13.20 -13.26 11.45
N SER C 96 -13.26 -11.96 11.08
CA SER C 96 -12.06 -11.26 10.61
C SER C 96 -12.05 -9.80 11.01
N CYS C 97 -10.85 -9.25 11.12
CA CYS C 97 -10.65 -7.90 11.54
C CYS C 97 -9.47 -7.28 10.77
N TYR C 98 -9.78 -6.28 9.98
CA TYR C 98 -8.78 -5.57 9.23
C TYR C 98 -8.75 -4.13 9.64
N SER C 99 -7.58 -3.53 9.66
CA SER C 99 -7.57 -2.04 9.73
C SER C 99 -7.47 -1.54 8.29
N VAL C 100 -7.94 -0.35 8.03
CA VAL C 100 -8.24 0.03 6.65
C VAL C 100 -7.85 1.51 6.53
N ALA C 101 -7.56 1.97 5.33
CA ALA C 101 -7.34 3.35 5.12
C ALA C 101 -8.70 4.03 4.86
N THR C 102 -8.73 5.34 4.84
CA THR C 102 -9.92 6.08 4.46
C THR C 102 -10.64 6.55 5.70
N GLU C 103 -11.93 6.43 5.74
CA GLU C 103 -12.62 7.24 6.70
C GLU C 103 -12.86 6.42 7.95
N GLU C 104 -13.09 5.12 7.82
CA GLU C 104 -13.27 4.22 8.95
C GLU C 104 -11.97 3.64 9.37
N SER C 105 -11.88 3.07 10.57
CA SER C 105 -10.66 2.47 11.00
C SER C 105 -10.55 0.97 10.80
N TYR C 106 -11.63 0.20 11.03
CA TYR C 106 -11.56 -1.24 10.77
C TYR C 106 -12.71 -1.79 10.06
N VAL C 107 -12.51 -2.89 9.35
CA VAL C 107 -13.61 -3.58 8.78
C VAL C 107 -13.63 -4.98 9.44
N LEU C 108 -14.80 -5.39 9.92
CA LEU C 108 -15.06 -6.75 10.39
C LEU C 108 -15.92 -7.55 9.45
N LEU C 109 -15.68 -8.86 9.40
CA LEU C 109 -16.68 -9.76 8.83
C LEU C 109 -17.30 -10.47 10.02
N VAL C 110 -18.60 -10.66 9.97
CA VAL C 110 -19.35 -11.13 11.12
C VAL C 110 -20.40 -12.13 10.60
N ARG C 111 -20.71 -13.20 11.33
CA ARG C 111 -21.77 -14.11 10.90
C ARG C 111 -22.68 -14.40 12.06
N VAL C 112 -23.97 -14.55 11.78
CA VAL C 112 -24.96 -14.47 12.83
C VAL C 112 -26.18 -15.34 12.38
N ALA C 113 -27.01 -15.76 13.31
CA ALA C 113 -28.15 -16.61 12.93
C ALA C 113 -29.30 -15.85 12.26
N SER C 114 -29.50 -14.56 12.53
CA SER C 114 -30.71 -13.85 11.99
C SER C 114 -30.60 -12.33 12.14
N ALA C 115 -31.60 -11.61 11.62
CA ALA C 115 -31.63 -10.17 11.73
C ALA C 115 -31.60 -9.80 13.19
N ARG C 116 -32.43 -10.43 14.01
CA ARG C 116 -32.39 -10.03 15.41
C ARG C 116 -31.07 -10.33 16.08
N ALA C 117 -30.38 -11.39 15.70
CA ALA C 117 -29.11 -11.62 16.33
C ALA C 117 -28.09 -10.59 15.81
N LEU C 118 -28.27 -10.07 14.59
CA LEU C 118 -27.35 -9.00 14.12
C LEU C 118 -27.50 -7.78 14.93
N GLU C 119 -28.72 -7.32 15.19
CA GLU C 119 -28.77 -6.05 16.00
C GLU C 119 -28.18 -6.12 17.36
N ASP C 120 -28.37 -7.26 18.00
CA ASP C 120 -27.76 -7.52 19.25
C ASP C 120 -26.24 -7.56 19.14
N LEU C 121 -25.66 -8.21 18.11
CA LEU C 121 -24.20 -8.11 17.96
C LEU C 121 -23.69 -6.66 17.74
N LEU C 122 -24.44 -5.85 16.98
CA LEU C 122 -23.99 -4.47 16.72
C LEU C 122 -23.87 -3.73 18.03
N GLN C 123 -24.87 -3.91 18.90
CA GLN C 123 -24.77 -3.32 20.30
C GLN C 123 -23.55 -3.81 20.98
N ARG C 124 -23.28 -5.09 20.96
CA ARG C 124 -22.09 -5.60 21.66
C ARG C 124 -20.88 -5.01 21.07
N ILE C 125 -20.80 -4.89 19.74
CA ILE C 125 -19.61 -4.27 19.16
C ILE C 125 -19.50 -2.79 19.57
N ARG C 126 -20.59 -2.04 19.44
CA ARG C 126 -20.54 -0.61 19.78
C ARG C 126 -20.01 -0.47 21.21
N THR C 127 -20.52 -1.31 22.12
CA THR C 127 -20.04 -1.12 23.48
C THR C 127 -18.71 -1.67 23.86
N THR C 128 -18.31 -2.82 23.33
CA THR C 128 -17.00 -3.28 23.74
C THR C 128 -15.85 -2.57 23.07
N ALA C 129 -16.02 -2.02 21.88
CA ALA C 129 -14.83 -1.32 21.37
C ALA C 129 -15.01 0.19 21.45
N ASN C 130 -16.20 0.63 21.82
CA ASN C 130 -16.49 2.07 21.93
C ASN C 130 -16.43 2.75 20.54
N VAL C 131 -17.33 2.37 19.63
CA VAL C 131 -17.07 2.56 18.21
C VAL C 131 -18.40 2.91 17.59
N ARG C 132 -18.48 3.68 16.50
CA ARG C 132 -19.72 3.67 15.68
C ARG C 132 -19.62 2.61 14.61
N THR C 133 -20.76 2.14 14.07
CA THR C 133 -20.72 1.00 13.18
C THR C 133 -21.39 1.42 11.89
N ARG C 134 -20.95 0.87 10.76
CA ARG C 134 -21.68 0.98 9.45
C ARG C 134 -21.72 -0.48 8.93
N SER C 135 -22.91 -1.05 8.78
CA SER C 135 -23.09 -2.45 8.32
C SER C 135 -23.48 -2.59 6.89
N THR C 136 -22.92 -3.57 6.17
CA THR C 136 -23.31 -3.95 4.81
C THR C 136 -23.63 -5.46 4.85
N ILE C 137 -24.92 -5.82 4.80
CA ILE C 137 -25.33 -7.24 4.69
C ILE C 137 -24.81 -7.86 3.40
N ILE C 138 -24.39 -9.09 3.48
CA ILE C 138 -23.93 -9.84 2.35
C ILE C 138 -25.12 -10.62 1.89
N LEU C 139 -25.51 -10.53 0.61
CA LEU C 139 -26.66 -11.25 0.09
C LEU C 139 -26.25 -12.67 -0.40
N ASN C 140 -25.06 -12.76 -1.01
CA ASN C 140 -24.59 -13.99 -1.59
C ASN C 140 -23.05 -14.05 -1.70
N THR C 141 -22.47 -15.21 -1.44
CA THR C 141 -21.05 -15.41 -1.65
C THR C 141 -20.81 -16.14 -2.96
N PHE C 142 -20.25 -15.48 -3.96
CA PHE C 142 -20.04 -16.16 -5.22
C PHE C 142 -18.87 -17.08 -5.23
N TYR C 143 -17.76 -16.65 -4.64
CA TYR C 143 -16.59 -17.51 -4.38
C TYR C 143 -15.77 -16.81 -3.29
N SER C 144 -15.04 -17.53 -2.47
CA SER C 144 -14.21 -16.84 -1.50
C SER C 144 -12.94 -17.63 -1.29
N ASP C 145 -11.99 -17.04 -0.56
CA ASP C 145 -10.70 -17.67 -0.29
C ASP C 145 -10.04 -18.29 -1.47
N ARG C 146 -10.13 -17.75 -2.66
CA ARG C 146 -9.33 -18.38 -3.66
C ARG C 146 -7.92 -17.86 -3.60
N GLN C 147 -7.06 -18.57 -2.85
CA GLN C 147 -5.72 -18.06 -2.61
C GLN C 147 -4.87 -18.25 -3.82
N HIS C 148 -4.05 -17.26 -4.12
CA HIS C 148 -3.30 -17.20 -5.35
C HIS C 148 -1.81 -17.11 -5.02
N ILE C 149 -1.09 -18.15 -5.43
CA ILE C 149 0.35 -18.15 -5.28
C ILE C 149 1.00 -17.89 -6.64
N PRO C 150 1.61 -16.68 -6.79
CA PRO C 150 2.34 -16.17 -7.97
C PRO C 150 3.86 -16.50 -7.94
N ALA D 4 -31.09 -30.81 11.09
CA ALA D 4 -30.12 -31.00 12.21
C ALA D 4 -28.61 -30.94 11.81
N LEU D 5 -27.78 -31.29 12.80
CA LEU D 5 -26.34 -31.51 12.72
C LEU D 5 -26.05 -31.95 14.14
N ASP D 6 -26.15 -33.26 14.38
CA ASP D 6 -26.07 -33.83 15.72
C ASP D 6 -24.80 -33.36 16.44
N ASP D 7 -24.92 -32.87 17.67
CA ASP D 7 -23.75 -32.20 18.29
C ASP D 7 -22.50 -33.07 18.64
N ILE D 8 -22.41 -34.28 18.07
CA ILE D 8 -21.12 -34.96 17.91
C ILE D 8 -20.49 -34.47 16.59
N ASP D 9 -21.27 -34.49 15.49
CA ASP D 9 -20.96 -33.78 14.25
C ASP D 9 -20.45 -32.32 14.50
N ARG D 10 -21.05 -31.62 15.46
CA ARG D 10 -20.64 -30.29 15.86
C ARG D 10 -19.25 -30.26 16.47
N ILE D 11 -18.94 -31.16 17.41
CA ILE D 11 -17.61 -31.21 18.04
C ILE D 11 -16.50 -31.46 16.97
N LEU D 12 -16.82 -32.28 15.97
CA LEU D 12 -15.97 -32.55 14.82
C LEU D 12 -15.68 -31.33 13.93
N VAL D 13 -16.73 -30.59 13.56
CA VAL D 13 -16.51 -29.43 12.75
C VAL D 13 -15.71 -28.37 13.50
N ARG D 14 -15.94 -28.18 14.81
CA ARG D 14 -15.10 -27.24 15.63
C ARG D 14 -13.65 -27.60 15.60
N GLU D 15 -13.40 -28.91 15.71
CA GLU D 15 -12.04 -29.49 15.81
C GLU D 15 -11.26 -29.35 14.53
N LEU D 16 -11.98 -29.61 13.43
CA LEU D 16 -11.44 -29.56 12.12
C LEU D 16 -11.28 -28.11 11.62
N ALA D 17 -12.13 -27.21 12.10
CA ALA D 17 -12.04 -25.78 11.76
C ALA D 17 -10.80 -25.20 12.42
N ALA D 18 -10.53 -25.60 13.67
CA ALA D 18 -9.36 -25.16 14.44
C ALA D 18 -8.02 -25.83 13.98
N ASP D 19 -8.13 -27.02 13.37
CA ASP D 19 -6.96 -27.85 12.96
C ASP D 19 -7.33 -28.80 11.85
N GLY D 20 -7.11 -28.38 10.61
CA GLY D 20 -7.43 -29.23 9.49
C GLY D 20 -6.52 -30.44 9.34
N ARG D 21 -5.39 -30.50 10.06
CA ARG D 21 -4.46 -31.64 9.99
C ARG D 21 -4.64 -32.66 11.11
N ALA D 22 -5.45 -32.30 12.13
CA ALA D 22 -5.99 -33.22 13.15
C ALA D 22 -6.30 -34.56 12.53
N THR D 23 -5.88 -35.60 13.22
CA THR D 23 -5.88 -36.96 12.67
C THR D 23 -7.15 -37.77 12.95
N LEU D 24 -7.53 -38.63 12.03
CA LEU D 24 -8.69 -39.49 12.28
C LEU D 24 -8.57 -40.01 13.72
N SER D 25 -7.40 -40.60 14.02
CA SER D 25 -6.95 -40.93 15.39
C SER D 25 -7.31 -39.88 16.51
N GLU D 26 -6.47 -38.86 16.75
CA GLU D 26 -6.61 -37.92 17.91
C GLU D 26 -7.96 -37.23 18.05
N LEU D 27 -8.76 -37.24 16.98
CA LEU D 27 -10.10 -36.64 17.01
C LEU D 27 -10.95 -37.53 17.90
N ALA D 28 -10.95 -38.82 17.58
CA ALA D 28 -11.71 -39.85 18.31
C ALA D 28 -11.59 -39.87 19.86
N THR D 29 -10.47 -39.40 20.43
CA THR D 29 -10.42 -39.11 21.90
C THR D 29 -11.39 -37.97 22.24
N ARG D 30 -10.96 -36.72 22.05
CA ARG D 30 -11.80 -35.51 22.27
C ARG D 30 -13.31 -35.68 21.93
N ALA D 31 -13.62 -36.44 20.87
CA ALA D 31 -14.99 -36.68 20.40
C ALA D 31 -15.81 -37.73 21.19
N GLY D 32 -15.12 -38.77 21.68
CA GLY D 32 -15.74 -39.94 22.32
C GLY D 32 -16.34 -40.93 21.32
N LEU D 33 -15.54 -41.39 20.35
CA LEU D 33 -15.96 -42.43 19.37
C LEU D 33 -14.79 -43.35 18.92
N SER D 34 -15.00 -44.15 17.86
CA SER D 34 -13.96 -45.04 17.27
C SER D 34 -13.38 -44.51 15.93
N VAL D 35 -12.07 -44.73 15.69
CA VAL D 35 -11.38 -44.44 14.40
C VAL D 35 -12.17 -44.82 13.12
N SER D 36 -13.14 -45.72 13.32
CA SER D 36 -14.04 -46.20 12.30
C SER D 36 -15.23 -45.26 12.28
N ALA D 37 -15.83 -45.05 13.46
CA ALA D 37 -17.01 -44.17 13.66
C ALA D 37 -16.76 -42.68 13.28
N VAL D 38 -15.66 -42.09 13.78
CA VAL D 38 -15.19 -40.73 13.35
C VAL D 38 -15.05 -40.62 11.82
N GLN D 39 -14.49 -41.65 11.18
CA GLN D 39 -14.11 -41.53 9.79
C GLN D 39 -15.34 -41.44 8.90
N SER D 40 -16.47 -41.95 9.39
CA SER D 40 -17.70 -41.98 8.58
C SER D 40 -18.40 -40.63 8.59
N ARG D 41 -18.72 -40.15 9.80
CA ARG D 41 -19.32 -38.83 10.04
C ARG D 41 -18.68 -37.78 9.14
N VAL D 42 -17.33 -37.74 9.19
CA VAL D 42 -16.46 -36.88 8.36
C VAL D 42 -16.72 -37.04 6.87
N ARG D 43 -16.84 -38.27 6.37
CA ARG D 43 -17.16 -38.47 4.94
C ARG D 43 -18.62 -38.04 4.60
N ARG D 44 -19.51 -38.12 5.58
CA ARG D 44 -20.92 -37.75 5.44
C ARG D 44 -20.99 -36.21 5.48
N LEU D 45 -20.13 -35.62 6.32
CA LEU D 45 -19.96 -34.17 6.42
C LEU D 45 -19.38 -33.56 5.14
N GLU D 46 -18.55 -34.29 4.42
CA GLU D 46 -17.96 -33.79 3.16
C GLU D 46 -18.93 -33.97 1.97
N SER D 47 -19.83 -34.95 2.08
CA SER D 47 -20.80 -35.27 1.02
C SER D 47 -22.02 -34.29 1.07
N ARG D 48 -22.75 -34.30 2.20
CA ARG D 48 -23.58 -33.14 2.57
C ARG D 48 -22.61 -31.95 2.44
N GLY D 49 -22.98 -30.81 1.85
CA GLY D 49 -21.91 -29.74 1.72
C GLY D 49 -21.30 -29.02 2.95
N VAL D 50 -21.01 -29.71 4.05
CA VAL D 50 -20.61 -29.06 5.31
C VAL D 50 -19.10 -28.69 5.45
N VAL D 51 -18.18 -29.62 5.24
CA VAL D 51 -16.78 -29.21 5.16
C VAL D 51 -16.50 -29.25 3.69
N GLN D 52 -15.86 -28.24 3.15
CA GLN D 52 -15.76 -28.11 1.71
C GLN D 52 -14.37 -28.36 1.18
N GLY D 53 -13.37 -28.52 2.02
CA GLY D 53 -12.01 -28.38 1.57
C GLY D 53 -11.20 -28.30 2.83
N TYR D 54 -9.90 -28.52 2.68
CA TYR D 54 -8.98 -28.29 3.79
C TYR D 54 -7.92 -27.48 3.15
N SER D 55 -7.43 -26.45 3.84
CA SER D 55 -6.53 -25.50 3.20
C SER D 55 -5.61 -25.16 4.32
N ALA D 56 -4.35 -24.94 4.03
CA ALA D 56 -3.43 -24.37 4.94
C ALA D 56 -3.56 -22.88 4.73
N ARG D 57 -3.43 -22.15 5.82
CA ARG D 57 -3.54 -20.68 5.73
C ARG D 57 -2.18 -20.10 5.46
N ILE D 58 -1.99 -19.61 4.25
CA ILE D 58 -0.75 -18.98 3.85
C ILE D 58 -0.67 -17.48 4.16
N ASN D 59 0.39 -17.02 4.82
CA ASN D 59 0.63 -15.60 4.98
C ASN D 59 0.92 -14.89 3.65
N PRO D 60 0.04 -13.94 3.22
CA PRO D 60 0.19 -13.35 1.89
C PRO D 60 1.46 -12.50 1.70
N GLU D 61 1.95 -11.87 2.76
CA GLU D 61 3.20 -11.10 2.63
C GLU D 61 4.42 -11.95 2.29
N ALA D 62 4.51 -13.14 2.90
CA ALA D 62 5.60 -14.11 2.68
C ALA D 62 5.70 -14.61 1.26
N VAL D 63 4.60 -14.63 0.51
CA VAL D 63 4.61 -14.98 -0.90
C VAL D 63 4.65 -13.80 -1.86
N GLY D 64 4.92 -12.59 -1.34
CA GLY D 64 5.04 -11.42 -2.23
C GLY D 64 3.77 -10.54 -2.41
N HIS D 65 2.68 -10.84 -1.69
CA HIS D 65 1.46 -9.96 -1.75
C HIS D 65 1.61 -8.93 -0.67
N LEU D 66 2.22 -7.80 -1.01
CA LEU D 66 2.44 -6.76 0.01
C LEU D 66 1.22 -5.82 0.18
N LEU D 67 0.31 -5.72 -0.79
CA LEU D 67 -0.89 -4.91 -0.59
C LEU D 67 -2.12 -5.75 -0.82
N SER D 68 -2.98 -5.76 0.16
CA SER D 68 -4.31 -6.28 -0.04
C SER D 68 -5.32 -5.10 -0.03
N ALA D 69 -6.50 -5.27 -0.66
CA ALA D 69 -7.49 -4.20 -0.81
C ALA D 69 -8.84 -4.86 -0.90
N PHE D 70 -9.89 -4.19 -0.40
CA PHE D 70 -11.30 -4.49 -0.78
C PHE D 70 -11.57 -3.63 -1.96
N VAL D 71 -12.21 -4.18 -2.95
CA VAL D 71 -12.49 -3.38 -4.08
C VAL D 71 -13.99 -3.45 -4.27
N ALA D 72 -14.70 -2.36 -4.17
CA ALA D 72 -16.14 -2.45 -4.34
C ALA D 72 -16.48 -2.08 -5.78
N ILE D 73 -17.41 -2.78 -6.43
CA ILE D 73 -17.65 -2.55 -7.87
C ILE D 73 -19.14 -2.52 -8.19
N THR D 74 -19.53 -1.73 -9.15
CA THR D 74 -20.93 -1.62 -9.56
C THR D 74 -20.94 -1.60 -11.08
N PRO D 75 -21.70 -2.52 -11.68
CA PRO D 75 -21.85 -2.44 -13.16
C PRO D 75 -22.32 -1.08 -13.67
N LEU D 76 -21.80 -0.70 -14.79
CA LEU D 76 -22.06 0.63 -15.38
C LEU D 76 -23.30 0.67 -16.23
N ASP D 77 -23.62 -0.46 -16.86
CA ASP D 77 -24.78 -0.59 -17.77
C ASP D 77 -25.80 -1.64 -17.30
N PRO D 78 -26.91 -1.15 -16.79
CA PRO D 78 -27.91 -2.08 -16.29
C PRO D 78 -28.74 -2.76 -17.42
N SER D 79 -28.61 -2.35 -18.69
CA SER D 79 -29.24 -3.19 -19.74
C SER D 79 -28.46 -4.47 -20.03
N GLN D 80 -27.24 -4.60 -19.55
CA GLN D 80 -26.48 -5.81 -19.80
C GLN D 80 -26.67 -6.80 -18.64
N PRO D 81 -26.54 -8.11 -18.89
CA PRO D 81 -26.56 -9.11 -17.80
C PRO D 81 -25.54 -8.82 -16.68
N ASP D 82 -25.94 -8.99 -15.45
CA ASP D 82 -25.02 -8.60 -14.42
C ASP D 82 -24.26 -9.89 -14.09
N ASP D 83 -23.12 -10.07 -14.74
CA ASP D 83 -22.35 -11.31 -14.62
C ASP D 83 -20.88 -11.10 -14.13
N ALA D 84 -20.62 -10.11 -13.27
CA ALA D 84 -19.26 -9.70 -12.98
C ALA D 84 -18.45 -10.77 -12.25
N PRO D 85 -19.07 -11.52 -11.31
CA PRO D 85 -18.34 -12.64 -10.67
C PRO D 85 -17.76 -13.61 -11.66
N ALA D 86 -18.59 -14.13 -12.56
CA ALA D 86 -18.15 -15.01 -13.66
C ALA D 86 -17.10 -14.34 -14.53
N ARG D 87 -17.31 -13.08 -14.89
CA ARG D 87 -16.31 -12.42 -15.68
C ARG D 87 -14.95 -12.21 -15.05
N LEU D 88 -14.83 -12.20 -13.73
CA LEU D 88 -13.57 -11.85 -13.06
C LEU D 88 -12.93 -13.09 -12.47
N GLU D 89 -13.62 -14.20 -12.66
CA GLU D 89 -13.20 -15.45 -12.09
C GLU D 89 -11.77 -15.87 -12.57
N HIS D 90 -11.39 -15.54 -13.80
CA HIS D 90 -10.12 -15.99 -14.24
C HIS D 90 -9.08 -15.08 -13.64
N ILE D 91 -9.48 -13.91 -13.11
CA ILE D 91 -8.45 -13.07 -12.55
C ILE D 91 -7.95 -13.62 -11.16
N GLU D 92 -6.73 -14.10 -11.14
CA GLU D 92 -6.23 -14.83 -9.97
C GLU D 92 -5.97 -13.95 -8.77
N GLU D 93 -5.76 -12.66 -8.96
CA GLU D 93 -5.61 -11.91 -7.76
C GLU D 93 -6.92 -11.59 -7.01
N VAL D 94 -8.10 -11.87 -7.63
CA VAL D 94 -9.27 -11.83 -6.81
C VAL D 94 -9.45 -13.09 -5.99
N GLU D 95 -9.15 -12.98 -4.71
CA GLU D 95 -9.32 -14.00 -3.74
C GLU D 95 -10.79 -14.28 -3.37
N SER D 96 -11.67 -13.28 -3.38
CA SER D 96 -13.07 -13.44 -2.87
C SER D 96 -14.00 -12.49 -3.58
N CYS D 97 -15.23 -12.89 -3.74
CA CYS D 97 -16.14 -12.08 -4.47
C CYS D 97 -17.53 -12.22 -3.82
N TYR D 98 -18.08 -11.13 -3.31
CA TYR D 98 -19.36 -11.19 -2.59
C TYR D 98 -20.34 -10.26 -3.26
N SER D 99 -21.62 -10.62 -3.26
CA SER D 99 -22.63 -9.57 -3.61
C SER D 99 -23.05 -8.98 -2.33
N VAL D 100 -23.48 -7.73 -2.36
CA VAL D 100 -23.67 -7.00 -1.13
C VAL D 100 -24.95 -6.15 -1.24
N ALA D 101 -25.55 -5.82 -0.11
CA ALA D 101 -26.60 -4.76 -0.05
C ALA D 101 -25.98 -3.50 0.46
N THR D 102 -25.64 -2.52 -0.36
CA THR D 102 -25.15 -1.21 0.14
C THR D 102 -25.06 -0.23 -1.01
N GLU D 103 -24.00 0.59 -1.12
CA GLU D 103 -23.86 1.52 -2.30
C GLU D 103 -23.36 0.85 -3.60
N GLU D 104 -22.71 -0.28 -3.45
CA GLU D 104 -22.04 -0.91 -4.52
C GLU D 104 -22.69 -2.30 -4.60
N SER D 105 -22.48 -3.03 -5.67
CA SER D 105 -23.11 -4.34 -5.93
C SER D 105 -22.27 -5.48 -5.46
N TYR D 106 -20.93 -5.39 -5.59
CA TYR D 106 -20.06 -6.49 -5.14
C TYR D 106 -18.87 -5.95 -4.39
N VAL D 107 -18.26 -6.77 -3.53
CA VAL D 107 -17.02 -6.48 -2.88
C VAL D 107 -16.09 -7.63 -3.21
N LEU D 108 -14.81 -7.33 -3.57
CA LEU D 108 -13.82 -8.32 -3.91
C LEU D 108 -12.72 -8.12 -2.90
N LEU D 109 -11.99 -9.17 -2.53
CA LEU D 109 -10.79 -8.97 -1.79
C LEU D 109 -9.71 -9.38 -2.79
N VAL D 110 -8.68 -8.54 -2.91
CA VAL D 110 -7.70 -8.61 -3.93
C VAL D 110 -6.33 -8.55 -3.22
N ARG D 111 -5.33 -9.27 -3.71
CA ARG D 111 -3.96 -9.18 -3.17
C ARG D 111 -2.97 -8.94 -4.34
N VAL D 112 -1.93 -8.16 -4.10
CA VAL D 112 -1.22 -7.63 -5.23
C VAL D 112 0.19 -7.30 -4.74
N ALA D 113 1.13 -7.21 -5.65
CA ALA D 113 2.55 -7.07 -5.25
C ALA D 113 2.85 -5.69 -4.63
N SER D 114 2.21 -4.64 -5.16
CA SER D 114 2.52 -3.27 -4.75
C SER D 114 1.37 -2.32 -5.15
N ALA D 115 1.55 -1.04 -4.75
CA ALA D 115 0.55 0.01 -5.01
C ALA D 115 0.38 0.20 -6.52
N ARG D 116 1.43 -0.06 -7.24
CA ARG D 116 1.42 0.21 -8.65
C ARG D 116 0.82 -1.01 -9.36
N ALA D 117 1.07 -2.23 -8.88
CA ALA D 117 0.25 -3.37 -9.39
C ALA D 117 -1.29 -3.19 -9.13
N LEU D 118 -1.68 -2.60 -8.01
CA LEU D 118 -3.12 -2.38 -7.76
C LEU D 118 -3.72 -1.51 -8.84
N GLU D 119 -3.01 -0.45 -9.20
CA GLU D 119 -3.53 0.42 -10.24
C GLU D 119 -3.85 -0.31 -11.57
N ASP D 120 -2.95 -1.14 -12.01
CA ASP D 120 -3.21 -2.07 -13.09
C ASP D 120 -4.38 -3.04 -12.90
N LEU D 121 -4.42 -3.67 -11.74
CA LEU D 121 -5.50 -4.59 -11.48
C LEU D 121 -6.83 -3.83 -11.63
N LEU D 122 -6.89 -2.61 -11.13
CA LEU D 122 -8.14 -1.89 -11.12
C LEU D 122 -8.57 -1.64 -12.54
N GLN D 123 -7.64 -1.24 -13.41
CA GLN D 123 -8.05 -0.98 -14.78
C GLN D 123 -8.50 -2.26 -15.48
N ARG D 124 -7.85 -3.35 -15.19
CA ARG D 124 -8.23 -4.58 -15.73
C ARG D 124 -9.61 -5.04 -15.21
N ILE D 125 -9.92 -4.87 -13.92
CA ILE D 125 -11.26 -5.14 -13.43
C ILE D 125 -12.32 -4.32 -14.17
N ARG D 126 -11.99 -3.08 -14.42
CA ARG D 126 -12.94 -2.17 -15.00
C ARG D 126 -13.23 -2.54 -16.46
N THR D 127 -12.23 -2.92 -17.23
CA THR D 127 -12.49 -3.08 -18.67
C THR D 127 -13.00 -4.48 -18.84
N THR D 128 -12.48 -5.42 -18.07
CA THR D 128 -13.08 -6.73 -18.16
C THR D 128 -14.55 -6.94 -17.65
N ALA D 129 -14.93 -6.58 -16.42
CA ALA D 129 -16.32 -6.76 -16.01
C ALA D 129 -16.88 -5.42 -16.42
N ASN D 130 -18.12 -5.04 -16.44
CA ASN D 130 -17.99 -3.60 -16.98
C ASN D 130 -18.31 -2.53 -15.91
N VAL D 131 -17.37 -2.31 -14.98
CA VAL D 131 -17.67 -1.73 -13.65
C VAL D 131 -16.93 -0.45 -13.26
N ARG D 132 -17.53 0.41 -12.43
CA ARG D 132 -16.74 1.40 -11.66
C ARG D 132 -16.10 0.77 -10.44
N THR D 133 -14.91 1.22 -10.04
CA THR D 133 -14.21 0.61 -8.89
C THR D 133 -14.10 1.58 -7.69
N ARG D 134 -14.14 1.09 -6.46
CA ARG D 134 -13.80 1.98 -5.35
C ARG D 134 -12.91 1.09 -4.46
N SER D 135 -11.73 1.52 -4.09
CA SER D 135 -10.93 0.56 -3.34
C SER D 135 -10.57 1.09 -1.97
N THR D 136 -10.57 0.22 -0.95
CA THR D 136 -10.16 0.46 0.42
C THR D 136 -8.90 -0.44 0.74
N ILE D 137 -7.79 0.15 1.09
CA ILE D 137 -6.52 -0.57 1.26
C ILE D 137 -6.42 -1.10 2.67
N ILE D 138 -6.05 -2.38 2.76
CA ILE D 138 -5.85 -3.04 4.04
C ILE D 138 -4.47 -2.72 4.53
N LEU D 139 -4.38 -2.29 5.77
CA LEU D 139 -3.09 -1.93 6.36
C LEU D 139 -2.52 -3.12 7.14
N ASN D 140 -3.37 -3.93 7.73
CA ASN D 140 -2.93 -4.99 8.59
C ASN D 140 -4.08 -6.01 8.82
N THR D 141 -3.80 -7.31 8.91
CA THR D 141 -4.81 -8.32 9.22
C THR D 141 -4.56 -8.72 10.67
N PHE D 142 -5.46 -8.45 11.58
CA PHE D 142 -5.20 -8.79 12.96
C PHE D 142 -5.56 -10.27 13.19
N TYR D 143 -6.59 -10.75 12.51
CA TYR D 143 -6.95 -12.18 12.54
C TYR D 143 -7.90 -12.47 11.43
N SER D 144 -7.88 -13.66 10.92
CA SER D 144 -8.46 -13.92 9.66
C SER D 144 -9.16 -15.27 9.88
N ASP D 145 -10.30 -15.52 9.26
CA ASP D 145 -11.00 -16.84 9.33
C ASP D 145 -11.07 -17.60 10.65
N ARG D 146 -11.49 -16.98 11.73
CA ARG D 146 -11.82 -17.70 12.91
C ARG D 146 -13.24 -18.19 12.71
N GLN D 147 -13.47 -19.37 12.13
CA GLN D 147 -14.80 -19.92 12.01
C GLN D 147 -15.35 -20.26 13.38
N HIS D 148 -16.55 -19.75 13.65
CA HIS D 148 -17.30 -19.94 14.86
C HIS D 148 -18.34 -21.03 14.56
N ILE D 149 -18.31 -22.10 15.35
CA ILE D 149 -19.35 -23.10 15.29
C ILE D 149 -20.26 -23.00 16.55
N PRO D 150 -21.53 -22.58 16.35
CA PRO D 150 -22.34 -22.05 17.47
C PRO D 150 -22.77 -23.07 18.57
#